data_6WBC
#
_entry.id   6WBC
#
_cell.length_a   78.697
_cell.length_b   90.229
_cell.length_c   100.077
_cell.angle_alpha   90.000
_cell.angle_beta   90.000
_cell.angle_gamma   90.000
#
_symmetry.space_group_name_H-M   'P 21 21 21'
#
loop_
_entity.id
_entity.type
_entity.pdbx_description
1 polymer 'Importin subunit alpha-1'
2 polymer 'DNA mismatch repair protein Mlh1'
3 water water
#
loop_
_entity_poly.entity_id
_entity_poly.type
_entity_poly.pdbx_seq_one_letter_code
_entity_poly.pdbx_strand_id
1 'polypeptide(L)'
;NQGTVNWSVEDIVKGINSNNLESQLQATQAARKLLSREKQPPIDNIIRAGLIPKFVSFLGKTDCSPIQFESAWALTNIAS
GTSEQTKAVVDGGAIPAFISLLASPHAHISEQAVWALGNIAGDGSAFRDLVIKHGAIDPLLALLAVPDLSTLACGYLRNL
TWTLSNLCRNKNPAPPLDAVEQILPTLVRLLHHNDPEVLADSCWAISYLTDGPNERIEMVVKKGVVPQLVKLLGATELPI
VTPALRAIGNIVTGTDEQTQKVIDAGALAVFPSLLTNPKTNIQKEATWTMSNITAGRQDQIQQVVNHGLVPFLVGVLSKA
DFKTQKEAAWAITNYTSGGTVEQIVYLVHCGIIEPLMNLLSAKDTKIIQVILDAISNIFQAAEKLGETEKLSIMIEECGG
LDKIEALQRHENESVYKASLNLIEKYFSVEEEEDQNVVPETTSEGFAFQVQDGAPGTFNF
;
A
2 'polypeptide(L)' SSNPRKKHRED B
#
# COMPACT_ATOMS: atom_id res chain seq x y z
N GLY A 3 11.96 -40.76 -6.51
CA GLY A 3 13.41 -40.81 -6.46
C GLY A 3 14.00 -39.82 -5.48
N THR A 4 13.58 -38.56 -5.58
CA THR A 4 14.01 -37.50 -4.66
C THR A 4 12.87 -37.05 -3.75
N VAL A 5 11.86 -37.90 -3.56
CA VAL A 5 10.68 -37.56 -2.79
C VAL A 5 10.87 -38.01 -1.34
N ASN A 6 10.81 -37.06 -0.41
CA ASN A 6 10.79 -37.33 1.03
C ASN A 6 12.09 -37.96 1.51
N TRP A 7 13.21 -37.35 1.13
CA TRP A 7 14.48 -37.73 1.75
C TRP A 7 14.55 -37.18 3.17
N SER A 8 15.23 -37.92 4.04
CA SER A 8 15.61 -37.36 5.32
C SER A 8 16.69 -36.29 5.11
N VAL A 9 16.76 -35.34 6.05
CA VAL A 9 17.82 -34.34 6.00
C VAL A 9 19.19 -35.00 6.06
N GLU A 10 19.30 -36.08 6.84
CA GLU A 10 20.56 -36.80 6.93
C GLU A 10 20.99 -37.33 5.57
N ASP A 11 20.06 -37.89 4.80
CA ASP A 11 20.39 -38.37 3.47
C ASP A 11 20.74 -37.22 2.53
N ILE A 12 20.06 -36.09 2.67
CA ILE A 12 20.38 -34.93 1.85
C ILE A 12 21.82 -34.49 2.11
N VAL A 13 22.18 -34.38 3.39
CA VAL A 13 23.55 -34.01 3.77
C VAL A 13 24.55 -35.01 3.20
N LYS A 14 24.23 -36.31 3.27
CA LYS A 14 25.14 -37.34 2.78
C LYS A 14 25.44 -37.17 1.29
N GLY A 15 24.42 -36.84 0.50
CA GLY A 15 24.62 -36.70 -0.93
C GLY A 15 25.32 -35.40 -1.30
N ILE A 16 24.97 -34.33 -0.59
CA ILE A 16 25.59 -33.03 -0.84
C ILE A 16 27.06 -33.04 -0.43
N ASN A 17 27.41 -33.82 0.59
CA ASN A 17 28.79 -33.94 1.06
C ASN A 17 29.59 -35.00 0.31
N SER A 18 28.97 -35.77 -0.57
CA SER A 18 29.75 -36.61 -1.46
C SER A 18 30.51 -35.70 -2.43
N ASN A 19 31.59 -36.23 -3.00
CA ASN A 19 32.32 -35.47 -4.02
C ASN A 19 31.89 -35.88 -5.42
N ASN A 20 30.59 -36.09 -5.58
CA ASN A 20 29.99 -36.60 -6.82
C ASN A 20 28.93 -35.59 -7.21
N LEU A 21 29.18 -34.85 -8.31
CA LEU A 21 28.29 -33.76 -8.68
C LEU A 21 26.87 -34.25 -8.93
N GLU A 22 26.74 -35.42 -9.56
CA GLU A 22 25.41 -35.98 -9.80
C GLU A 22 24.72 -36.38 -8.50
N SER A 23 25.46 -36.95 -7.55
CA SER A 23 24.89 -37.23 -6.23
C SER A 23 24.49 -35.94 -5.52
N GLN A 24 25.31 -34.90 -5.65
CA GLN A 24 24.95 -33.60 -5.07
C GLN A 24 23.72 -33.01 -5.75
N LEU A 25 23.60 -33.19 -7.06
CA LEU A 25 22.42 -32.70 -7.77
C LEU A 25 21.16 -33.39 -7.25
N GLN A 26 21.21 -34.72 -7.14
CA GLN A 26 20.06 -35.47 -6.65
C GLN A 26 19.67 -35.03 -5.25
N ALA A 27 20.65 -34.90 -4.36
CA ALA A 27 20.36 -34.51 -2.98
C ALA A 27 19.83 -33.08 -2.93
N THR A 28 20.35 -32.20 -3.77
CA THR A 28 19.88 -30.81 -3.78
C THR A 28 18.42 -30.73 -4.22
N GLN A 29 18.06 -31.50 -5.26
CA GLN A 29 16.67 -31.54 -5.69
C GLN A 29 15.78 -32.09 -4.58
N ALA A 30 16.25 -33.12 -3.86
CA ALA A 30 15.48 -33.65 -2.74
C ALA A 30 15.28 -32.60 -1.67
N ALA A 31 16.31 -31.80 -1.38
CA ALA A 31 16.16 -30.68 -0.45
C ALA A 31 15.13 -29.68 -0.98
N ARG A 32 15.17 -29.41 -2.28
CA ARG A 32 14.20 -28.49 -2.87
C ARG A 32 12.77 -28.98 -2.68
N LYS A 33 12.54 -30.28 -2.88
CA LYS A 33 11.18 -30.81 -2.76
C LYS A 33 10.72 -30.78 -1.31
N LEU A 34 11.61 -31.11 -0.37
CA LEU A 34 11.33 -30.96 1.05
C LEU A 34 10.91 -29.53 1.37
N LEU A 35 11.72 -28.56 0.93
CA LEU A 35 11.45 -27.16 1.20
C LEU A 35 10.24 -26.64 0.43
N SER A 36 9.71 -27.41 -0.52
CA SER A 36 8.59 -26.99 -1.35
C SER A 36 7.23 -27.34 -0.77
N ARG A 37 7.17 -28.16 0.28
CA ARG A 37 5.88 -28.58 0.80
C ARG A 37 5.21 -27.43 1.56
N GLU A 38 3.87 -27.49 1.62
CA GLU A 38 3.09 -26.41 2.22
C GLU A 38 3.15 -26.46 3.73
N LYS A 39 2.84 -27.62 4.33
CA LYS A 39 2.79 -27.73 5.78
C LYS A 39 4.21 -27.81 6.34
N GLN A 40 4.61 -26.75 7.02
CA GLN A 40 5.85 -26.59 7.77
C GLN A 40 7.06 -27.19 7.07
N PRO A 41 7.55 -26.59 5.99
CA PRO A 41 8.81 -27.04 5.39
C PRO A 41 9.93 -26.91 6.41
N PRO A 42 10.81 -27.90 6.48
CA PRO A 42 11.81 -27.92 7.57
C PRO A 42 12.99 -27.00 7.27
N ILE A 43 12.69 -25.69 7.16
CA ILE A 43 13.72 -24.70 6.86
C ILE A 43 14.82 -24.73 7.90
N ASP A 44 14.44 -24.71 9.18
CA ASP A 44 15.43 -24.65 10.25
C ASP A 44 16.31 -25.90 10.29
N ASN A 45 15.72 -27.07 10.08
CA ASN A 45 16.52 -28.29 10.02
C ASN A 45 17.53 -28.23 8.89
N ILE A 46 17.14 -27.67 7.75
CA ILE A 46 18.06 -27.51 6.62
C ILE A 46 19.16 -26.52 6.97
N ILE A 47 18.81 -25.41 7.61
CA ILE A 47 19.82 -24.42 8.02
C ILE A 47 20.78 -25.04 9.01
N ARG A 48 20.25 -25.73 10.03
CA ARG A 48 21.09 -26.31 11.08
C ARG A 48 22.04 -27.36 10.54
N ALA A 49 21.69 -28.03 9.45
CA ALA A 49 22.58 -29.00 8.84
C ALA A 49 23.72 -28.35 8.06
N GLY A 50 23.78 -27.02 8.03
CA GLY A 50 24.87 -26.32 7.36
C GLY A 50 24.82 -26.36 5.85
N LEU A 51 23.63 -26.45 5.26
CA LEU A 51 23.53 -26.65 3.82
C LEU A 51 23.55 -25.36 3.01
N ILE A 52 23.33 -24.20 3.64
CA ILE A 52 23.28 -22.95 2.88
C ILE A 52 24.58 -22.64 2.14
N PRO A 53 25.77 -22.72 2.78
CA PRO A 53 27.01 -22.49 2.01
C PRO A 53 27.16 -23.39 0.80
N LYS A 54 26.72 -24.65 0.91
CA LYS A 54 26.82 -25.56 -0.22
C LYS A 54 25.83 -25.18 -1.32
N PHE A 55 24.59 -24.83 -0.94
CA PHE A 55 23.64 -24.31 -1.92
C PHE A 55 24.20 -23.09 -2.64
N VAL A 56 24.81 -22.16 -1.89
CA VAL A 56 25.30 -20.94 -2.49
C VAL A 56 26.43 -21.24 -3.47
N SER A 57 27.34 -22.15 -3.11
CA SER A 57 28.41 -22.51 -4.03
C SER A 57 27.86 -23.22 -5.27
N PHE A 58 26.75 -23.95 -5.14
CA PHE A 58 26.13 -24.58 -6.30
C PHE A 58 25.53 -23.54 -7.25
N LEU A 59 25.17 -22.36 -6.73
CA LEU A 59 24.69 -21.29 -7.61
C LEU A 59 25.73 -20.94 -8.67
N GLY A 60 27.01 -21.12 -8.36
CA GLY A 60 28.10 -20.77 -9.25
C GLY A 60 28.53 -21.85 -10.22
N LYS A 61 27.89 -23.02 -10.18
CA LYS A 61 28.31 -24.15 -11.03
C LYS A 61 27.70 -23.98 -12.42
N THR A 62 28.36 -23.14 -13.22
CA THR A 62 27.85 -22.81 -14.55
C THR A 62 27.74 -24.02 -15.46
N ASP A 63 28.59 -25.02 -15.27
CA ASP A 63 28.56 -26.20 -16.15
C ASP A 63 27.52 -27.22 -15.72
N CYS A 64 26.80 -27.00 -14.62
CA CYS A 64 25.69 -27.86 -14.20
C CYS A 64 24.50 -26.97 -13.89
N SER A 65 23.82 -26.51 -14.94
CA SER A 65 22.66 -25.64 -14.75
C SER A 65 21.55 -26.28 -13.90
N PRO A 66 21.28 -27.59 -13.97
CA PRO A 66 20.25 -28.14 -13.06
C PRO A 66 20.54 -27.90 -11.58
N ILE A 67 21.79 -28.02 -11.13
CA ILE A 67 22.04 -27.79 -9.71
C ILE A 67 21.98 -26.29 -9.37
N GLN A 68 22.28 -25.42 -10.34
CA GLN A 68 22.02 -24.00 -10.14
C GLN A 68 20.54 -23.75 -9.88
N PHE A 69 19.68 -24.36 -10.68
CA PHE A 69 18.24 -24.18 -10.54
C PHE A 69 17.74 -24.73 -9.21
N GLU A 70 18.11 -25.99 -8.90
CA GLU A 70 17.60 -26.63 -7.68
C GLU A 70 18.04 -25.88 -6.43
N SER A 71 19.31 -25.44 -6.38
CA SER A 71 19.74 -24.70 -5.20
C SER A 71 19.16 -23.30 -5.17
N ALA A 72 18.94 -22.68 -6.34
CA ALA A 72 18.26 -21.38 -6.36
C ALA A 72 16.86 -21.49 -5.80
N TRP A 73 16.13 -22.55 -6.18
CA TRP A 73 14.80 -22.79 -5.66
C TRP A 73 14.84 -23.08 -4.16
N ALA A 74 15.77 -23.93 -3.72
CA ALA A 74 15.89 -24.24 -2.30
C ALA A 74 16.20 -22.99 -1.48
N LEU A 75 17.12 -22.16 -1.98
CA LEU A 75 17.48 -20.95 -1.24
C LEU A 75 16.34 -19.94 -1.27
N THR A 76 15.62 -19.86 -2.40
CA THR A 76 14.44 -19.01 -2.47
C THR A 76 13.48 -19.32 -1.33
N ASN A 77 13.23 -20.60 -1.07
CA ASN A 77 12.22 -20.96 -0.08
C ASN A 77 12.72 -20.80 1.34
N ILE A 78 14.02 -21.00 1.59
CA ILE A 78 14.57 -20.59 2.88
C ILE A 78 14.40 -19.10 3.08
N ALA A 79 14.75 -18.31 2.05
CA ALA A 79 14.65 -16.86 2.14
C ALA A 79 13.21 -16.36 2.28
N SER A 80 12.23 -17.21 1.97
CA SER A 80 10.82 -16.86 2.09
C SER A 80 10.32 -16.93 3.53
N GLY A 81 11.13 -17.38 4.47
CA GLY A 81 10.71 -17.58 5.84
C GLY A 81 10.86 -16.35 6.70
N THR A 82 11.22 -16.57 7.97
CA THR A 82 11.39 -15.48 8.91
C THR A 82 12.60 -14.62 8.52
N SER A 83 12.72 -13.48 9.21
CA SER A 83 13.90 -12.61 9.04
C SER A 83 15.19 -13.36 9.34
N GLU A 84 15.21 -14.13 10.42
CA GLU A 84 16.40 -14.93 10.74
C GLU A 84 16.71 -15.92 9.63
N GLN A 85 15.68 -16.53 9.05
CA GLN A 85 15.92 -17.49 7.98
C GLN A 85 16.43 -16.79 6.72
N THR A 86 15.86 -15.61 6.39
CA THR A 86 16.38 -14.83 5.27
C THR A 86 17.82 -14.38 5.53
N LYS A 87 18.11 -13.96 6.77
CA LYS A 87 19.46 -13.55 7.12
C LYS A 87 20.46 -14.68 6.90
N ALA A 88 20.06 -15.92 7.17
CA ALA A 88 20.98 -17.04 6.96
C ALA A 88 21.35 -17.17 5.48
N VAL A 89 20.39 -16.91 4.59
CA VAL A 89 20.68 -16.92 3.16
C VAL A 89 21.64 -15.80 2.80
N VAL A 90 21.36 -14.58 3.28
CA VAL A 90 22.25 -13.45 3.05
C VAL A 90 23.63 -13.72 3.62
N ASP A 91 23.68 -14.27 4.84
CA ASP A 91 24.96 -14.50 5.50
C ASP A 91 25.82 -15.49 4.72
N GLY A 92 25.21 -16.40 3.98
CA GLY A 92 25.95 -17.33 3.15
C GLY A 92 26.50 -16.77 1.85
N GLY A 93 26.35 -15.47 1.61
CA GLY A 93 26.84 -14.87 0.38
C GLY A 93 25.92 -15.00 -0.81
N ALA A 94 24.63 -15.23 -0.60
CA ALA A 94 23.73 -15.52 -1.71
C ALA A 94 23.46 -14.30 -2.60
N ILE A 95 23.54 -13.07 -2.06
CA ILE A 95 23.14 -11.90 -2.85
C ILE A 95 23.97 -11.74 -4.11
N PRO A 96 25.31 -11.68 -4.06
CA PRO A 96 26.07 -11.53 -5.32
C PRO A 96 25.92 -12.75 -6.22
N ALA A 97 25.73 -13.94 -5.64
CA ALA A 97 25.56 -15.13 -6.46
C ALA A 97 24.23 -15.11 -7.20
N PHE A 98 23.17 -14.65 -6.54
CA PHE A 98 21.88 -14.54 -7.22
C PHE A 98 21.91 -13.46 -8.28
N ILE A 99 22.61 -12.35 -8.02
CA ILE A 99 22.66 -11.27 -9.01
C ILE A 99 23.41 -11.74 -10.24
N SER A 100 24.46 -12.55 -10.06
CA SER A 100 25.18 -13.12 -11.19
C SER A 100 24.29 -14.04 -12.02
N LEU A 101 23.30 -14.67 -11.41
CA LEU A 101 22.41 -15.56 -12.15
C LEU A 101 21.35 -14.82 -12.95
N LEU A 102 21.14 -13.52 -12.68
CA LEU A 102 20.16 -12.76 -13.45
C LEU A 102 20.46 -12.77 -14.94
N ALA A 103 21.73 -12.86 -15.31
CA ALA A 103 22.13 -12.87 -16.71
C ALA A 103 22.28 -14.29 -17.27
N SER A 104 21.76 -15.29 -16.57
CA SER A 104 21.89 -16.66 -17.05
C SER A 104 21.14 -16.81 -18.38
N PRO A 105 21.65 -17.62 -19.31
CA PRO A 105 20.89 -17.90 -20.53
C PRO A 105 19.69 -18.80 -20.31
N HIS A 106 19.57 -19.42 -19.14
CA HIS A 106 18.42 -20.25 -18.78
C HIS A 106 17.38 -19.36 -18.12
N ALA A 107 16.27 -19.11 -18.83
CA ALA A 107 15.23 -18.22 -18.32
C ALA A 107 14.70 -18.67 -16.98
N HIS A 108 14.56 -19.99 -16.78
CA HIS A 108 14.01 -20.49 -15.53
C HIS A 108 14.97 -20.28 -14.37
N ILE A 109 16.28 -20.28 -14.63
CA ILE A 109 17.25 -19.98 -13.58
C ILE A 109 17.27 -18.48 -13.28
N SER A 110 17.27 -17.65 -14.33
CA SER A 110 17.21 -16.20 -14.14
C SER A 110 15.96 -15.81 -13.36
N GLU A 111 14.80 -16.36 -13.73
CA GLU A 111 13.56 -16.07 -13.02
C GLU A 111 13.65 -16.47 -11.55
N GLN A 112 14.25 -17.63 -11.26
CA GLN A 112 14.36 -18.04 -9.86
C GLN A 112 15.27 -17.11 -9.06
N ALA A 113 16.31 -16.57 -9.71
CA ALA A 113 17.16 -15.59 -9.03
C ALA A 113 16.42 -14.28 -8.79
N VAL A 114 15.55 -13.88 -9.73
CA VAL A 114 14.69 -12.72 -9.52
C VAL A 114 13.83 -12.93 -8.28
N TRP A 115 13.17 -14.10 -8.21
CA TRP A 115 12.33 -14.44 -7.08
C TRP A 115 13.11 -14.40 -5.76
N ALA A 116 14.29 -15.01 -5.74
CA ALA A 116 15.08 -15.06 -4.51
C ALA A 116 15.47 -13.67 -4.04
N LEU A 117 15.88 -12.79 -4.96
CA LEU A 117 16.22 -11.43 -4.57
C LEU A 117 14.99 -10.66 -4.09
N GLY A 118 13.81 -10.98 -4.64
CA GLY A 118 12.59 -10.37 -4.12
C GLY A 118 12.32 -10.73 -2.68
N ASN A 119 12.55 -12.00 -2.30
CA ASN A 119 12.39 -12.42 -0.91
C ASN A 119 13.40 -11.74 0.00
N ILE A 120 14.66 -11.65 -0.45
CA ILE A 120 15.68 -10.99 0.36
C ILE A 120 15.36 -9.51 0.51
N ALA A 121 15.09 -8.82 -0.61
CA ALA A 121 14.75 -7.41 -0.53
C ALA A 121 13.47 -7.18 0.28
N GLY A 122 12.52 -8.10 0.17
CA GLY A 122 11.25 -7.95 0.88
C GLY A 122 11.34 -8.12 2.39
N ASP A 123 12.50 -8.53 2.90
CA ASP A 123 12.63 -8.68 4.34
C ASP A 123 12.61 -7.33 5.06
N GLY A 124 13.14 -6.29 4.43
CA GLY A 124 13.19 -4.99 5.08
C GLY A 124 14.18 -4.07 4.40
N SER A 125 14.20 -2.83 4.92
CA SER A 125 14.97 -1.75 4.32
C SER A 125 16.45 -2.08 4.20
N ALA A 126 17.02 -2.66 5.25
CA ALA A 126 18.45 -2.94 5.25
C ALA A 126 18.83 -3.95 4.17
N PHE A 127 18.11 -5.08 4.10
CA PHE A 127 18.42 -6.06 3.07
C PHE A 127 18.04 -5.55 1.68
N ARG A 128 16.96 -4.76 1.59
CA ARG A 128 16.62 -4.09 0.34
C ARG A 128 17.78 -3.26 -0.15
N ASP A 129 18.32 -2.41 0.73
CA ASP A 129 19.42 -1.53 0.34
C ASP A 129 20.70 -2.31 0.10
N LEU A 130 20.88 -3.44 0.79
CA LEU A 130 22.04 -4.29 0.53
C LEU A 130 21.97 -4.93 -0.85
N VAL A 131 20.78 -5.40 -1.24
CA VAL A 131 20.59 -5.89 -2.60
C VAL A 131 20.90 -4.81 -3.62
N ILE A 132 20.49 -3.57 -3.34
CA ILE A 132 20.78 -2.47 -4.23
C ILE A 132 22.28 -2.19 -4.31
N LYS A 133 22.97 -2.24 -3.18
CA LYS A 133 24.41 -1.96 -3.17
C LYS A 133 25.20 -3.01 -3.95
N HIS A 134 24.75 -4.26 -3.93
CA HIS A 134 25.40 -5.31 -4.70
C HIS A 134 25.15 -5.19 -6.20
N GLY A 135 24.28 -4.27 -6.63
CA GLY A 135 24.10 -3.97 -8.03
C GLY A 135 22.95 -4.67 -8.73
N ALA A 136 21.88 -5.04 -8.01
CA ALA A 136 20.82 -5.82 -8.63
C ALA A 136 20.02 -5.03 -9.65
N ILE A 137 19.89 -3.72 -9.49
CA ILE A 137 18.89 -2.97 -10.27
C ILE A 137 19.21 -3.01 -11.75
N ASP A 138 20.47 -2.76 -12.13
CA ASP A 138 20.82 -2.75 -13.56
C ASP A 138 20.46 -4.05 -14.26
N PRO A 139 20.90 -5.24 -13.81
CA PRO A 139 20.51 -6.47 -14.52
C PRO A 139 19.03 -6.79 -14.43
N LEU A 140 18.35 -6.38 -13.34
CA LEU A 140 16.91 -6.55 -13.28
C LEU A 140 16.24 -5.73 -14.38
N LEU A 141 16.61 -4.46 -14.51
CA LEU A 141 16.00 -3.60 -15.52
C LEU A 141 16.36 -4.05 -16.93
N ALA A 142 17.57 -4.59 -17.11
CA ALA A 142 17.96 -5.08 -18.43
C ALA A 142 17.07 -6.22 -18.90
N LEU A 143 16.53 -7.00 -17.96
CA LEU A 143 15.60 -8.07 -18.34
C LEU A 143 14.29 -7.54 -18.90
N LEU A 144 13.96 -6.27 -18.61
CA LEU A 144 12.73 -5.66 -19.10
C LEU A 144 12.98 -4.68 -20.22
N ALA A 145 14.22 -4.59 -20.73
CA ALA A 145 14.55 -3.71 -21.85
C ALA A 145 14.23 -4.41 -23.15
N VAL A 146 12.93 -4.50 -23.45
CA VAL A 146 12.44 -5.13 -24.67
C VAL A 146 11.46 -4.17 -25.33
N PRO A 147 11.29 -4.23 -26.66
CA PRO A 147 10.34 -3.31 -27.31
C PRO A 147 8.91 -3.49 -26.85
N ASP A 148 8.49 -4.71 -26.53
CA ASP A 148 7.12 -4.98 -26.14
C ASP A 148 7.12 -6.00 -25.00
N LEU A 149 6.64 -5.56 -23.82
CA LEU A 149 6.60 -6.44 -22.65
C LEU A 149 5.82 -7.72 -22.90
N SER A 150 4.88 -7.72 -23.86
CA SER A 150 4.02 -8.86 -24.10
C SER A 150 4.75 -10.07 -24.66
N THR A 151 5.98 -9.90 -25.14
CA THR A 151 6.75 -11.04 -25.64
C THR A 151 7.41 -11.84 -24.52
N LEU A 152 7.45 -11.32 -23.31
CA LEU A 152 8.01 -12.04 -22.18
C LEU A 152 6.97 -12.98 -21.60
N ALA A 153 7.45 -14.09 -21.04
CA ALA A 153 6.56 -15.03 -20.39
C ALA A 153 5.83 -14.35 -19.24
N CYS A 154 4.55 -14.68 -19.09
CA CYS A 154 3.69 -14.02 -18.11
C CYS A 154 4.24 -14.16 -16.69
N GLY A 155 4.52 -15.40 -16.26
CA GLY A 155 5.04 -15.60 -14.91
C GLY A 155 6.36 -14.89 -14.68
N TYR A 156 7.23 -14.88 -15.69
CA TYR A 156 8.51 -14.18 -15.60
C TYR A 156 8.30 -12.68 -15.40
N LEU A 157 7.39 -12.08 -16.17
CA LEU A 157 7.13 -10.65 -16.04
C LEU A 157 6.52 -10.32 -14.67
N ARG A 158 5.63 -11.19 -14.18
CA ARG A 158 5.05 -10.97 -12.87
C ARG A 158 6.09 -11.01 -11.75
N ASN A 159 7.03 -11.98 -11.82
CA ASN A 159 8.05 -12.08 -10.80
C ASN A 159 8.97 -10.86 -10.83
N LEU A 160 9.33 -10.39 -12.02
CA LEU A 160 10.16 -9.19 -12.12
C LEU A 160 9.45 -7.98 -11.54
N THR A 161 8.16 -7.83 -11.86
CA THR A 161 7.39 -6.71 -11.32
C THR A 161 7.31 -6.77 -9.80
N TRP A 162 7.04 -7.97 -9.26
CA TRP A 162 6.92 -8.11 -7.81
C TRP A 162 8.24 -7.79 -7.11
N THR A 163 9.36 -8.30 -7.64
CA THR A 163 10.65 -8.02 -7.01
C THR A 163 11.00 -6.54 -7.11
N LEU A 164 10.68 -5.89 -8.23
CA LEU A 164 10.89 -4.45 -8.34
C LEU A 164 10.10 -3.70 -7.27
N SER A 165 8.86 -4.14 -7.02
CA SER A 165 8.05 -3.44 -6.01
C SER A 165 8.64 -3.59 -4.62
N ASN A 166 9.34 -4.70 -4.35
CA ASN A 166 10.01 -4.83 -3.05
C ASN A 166 11.22 -3.91 -2.97
N LEU A 167 11.87 -3.60 -4.09
CA LEU A 167 12.92 -2.59 -4.06
C LEU A 167 12.35 -1.18 -3.86
N CYS A 168 11.05 -0.98 -4.09
CA CYS A 168 10.41 0.30 -3.83
C CYS A 168 9.78 0.38 -2.45
N ARG A 169 9.77 -0.72 -1.70
CA ARG A 169 8.98 -0.85 -0.50
C ARG A 169 9.78 -0.51 0.78
N ASN A 170 9.04 -0.11 1.82
CA ASN A 170 9.54 0.13 3.18
C ASN A 170 10.10 1.54 3.32
N LYS A 171 10.21 2.05 4.55
CA LYS A 171 10.17 3.48 4.75
C LYS A 171 11.13 4.06 5.79
N ASN A 172 11.88 3.26 6.52
CA ASN A 172 12.80 3.78 7.54
C ASN A 172 14.18 3.15 7.37
N PRO A 173 14.95 3.57 6.35
CA PRO A 173 14.59 4.68 5.45
C PRO A 173 13.90 4.23 4.16
N ALA A 174 13.40 5.22 3.42
CA ALA A 174 12.89 4.98 2.08
C ALA A 174 14.05 4.56 1.16
N PRO A 175 13.76 3.93 0.03
CA PRO A 175 14.83 3.50 -0.87
C PRO A 175 15.64 4.69 -1.33
N PRO A 176 16.90 4.47 -1.72
CA PRO A 176 17.74 5.59 -2.17
C PRO A 176 17.12 6.32 -3.35
N LEU A 177 17.22 7.66 -3.31
CA LEU A 177 16.60 8.48 -4.35
C LEU A 177 17.04 8.05 -5.75
N ASP A 178 18.34 7.80 -5.93
CA ASP A 178 18.85 7.46 -7.25
C ASP A 178 18.36 6.09 -7.70
N ALA A 179 18.16 5.15 -6.78
CA ALA A 179 17.59 3.86 -7.14
C ALA A 179 16.14 4.03 -7.60
N VAL A 180 15.38 4.87 -6.90
CA VAL A 180 14.00 5.14 -7.31
C VAL A 180 13.97 5.80 -8.68
N GLU A 181 14.83 6.81 -8.90
CA GLU A 181 14.88 7.43 -10.21
C GLU A 181 15.25 6.42 -11.29
N GLN A 182 16.14 5.48 -10.96
CA GLN A 182 16.55 4.47 -11.91
C GLN A 182 15.40 3.53 -12.26
N ILE A 183 14.58 3.18 -11.27
CA ILE A 183 13.53 2.19 -11.47
C ILE A 183 12.29 2.81 -12.14
N LEU A 184 12.02 4.09 -11.90
CA LEU A 184 10.71 4.66 -12.24
C LEU A 184 10.32 4.53 -13.71
N PRO A 185 11.18 4.79 -14.70
CA PRO A 185 10.73 4.66 -16.10
C PRO A 185 10.28 3.27 -16.46
N THR A 186 10.89 2.23 -15.88
CA THR A 186 10.42 0.87 -16.14
C THR A 186 9.09 0.62 -15.44
N LEU A 187 8.95 1.14 -14.23
CA LEU A 187 7.67 1.06 -13.51
C LEU A 187 6.54 1.71 -14.29
N VAL A 188 6.79 2.88 -14.88
CA VAL A 188 5.76 3.57 -15.65
C VAL A 188 5.31 2.71 -16.82
N ARG A 189 6.25 2.02 -17.46
CA ARG A 189 5.92 1.14 -18.58
C ARG A 189 5.13 -0.09 -18.11
N LEU A 190 5.50 -0.66 -16.95
CA LEU A 190 4.74 -1.78 -16.41
C LEU A 190 3.32 -1.36 -16.04
N LEU A 191 3.15 -0.11 -15.60
CA LEU A 191 1.84 0.41 -15.24
C LEU A 191 0.90 0.50 -16.44
N HIS A 192 1.42 0.41 -17.66
CA HIS A 192 0.57 0.40 -18.85
C HIS A 192 0.45 -0.99 -19.47
N HIS A 193 1.01 -2.01 -18.83
CA HIS A 193 0.86 -3.38 -19.31
C HIS A 193 -0.56 -3.86 -19.06
N ASN A 194 -0.95 -4.93 -19.75
CA ASN A 194 -2.33 -5.39 -19.71
C ASN A 194 -2.55 -6.58 -18.78
N ASP A 195 -1.53 -7.05 -18.08
CA ASP A 195 -1.73 -8.19 -17.19
C ASP A 195 -2.19 -7.70 -15.81
N PRO A 196 -3.30 -8.21 -15.28
CA PRO A 196 -3.83 -7.67 -14.02
C PRO A 196 -2.87 -7.81 -12.84
N GLU A 197 -2.07 -8.88 -12.79
CA GLU A 197 -1.12 -9.02 -11.69
C GLU A 197 0.01 -8.02 -11.80
N VAL A 198 0.58 -7.87 -13.00
CA VAL A 198 1.59 -6.84 -13.22
C VAL A 198 1.02 -5.47 -12.84
N LEU A 199 -0.22 -5.21 -13.24
CA LEU A 199 -0.85 -3.93 -12.93
C LEU A 199 -0.99 -3.73 -11.42
N ALA A 200 -1.45 -4.76 -10.71
CA ALA A 200 -1.61 -4.66 -9.26
C ALA A 200 -0.28 -4.36 -8.58
N ASP A 201 0.76 -5.14 -8.90
CA ASP A 201 2.05 -4.95 -8.23
C ASP A 201 2.73 -3.66 -8.67
N SER A 202 2.44 -3.18 -9.89
CA SER A 202 2.95 -1.88 -10.31
C SER A 202 2.32 -0.74 -9.51
N CYS A 203 1.01 -0.83 -9.27
CA CYS A 203 0.33 0.11 -8.39
C CYS A 203 0.86 0.04 -6.97
N TRP A 204 1.10 -1.18 -6.46
CA TRP A 204 1.68 -1.32 -5.13
C TRP A 204 3.03 -0.58 -5.05
N ALA A 205 3.88 -0.80 -6.04
CA ALA A 205 5.18 -0.12 -6.06
C ALA A 205 5.00 1.39 -6.05
N ILE A 206 4.05 1.90 -6.85
CA ILE A 206 3.84 3.34 -6.89
C ILE A 206 3.28 3.84 -5.56
N SER A 207 2.42 3.03 -4.92
CA SER A 207 1.88 3.41 -3.62
C SER A 207 3.00 3.50 -2.57
N TYR A 208 3.96 2.58 -2.60
CA TYR A 208 5.10 2.69 -1.69
C TYR A 208 5.88 3.98 -1.94
N LEU A 209 6.12 4.30 -3.21
CA LEU A 209 6.98 5.44 -3.54
C LEU A 209 6.32 6.77 -3.19
N THR A 210 4.99 6.83 -3.22
CA THR A 210 4.27 8.05 -2.86
C THR A 210 3.94 8.14 -1.37
N ASP A 211 4.29 7.10 -0.61
CA ASP A 211 4.08 7.08 0.84
C ASP A 211 5.30 7.70 1.51
N GLY A 212 5.35 9.03 1.46
CA GLY A 212 6.48 9.74 2.01
C GLY A 212 6.32 11.24 1.90
N PRO A 213 7.41 11.99 2.01
CA PRO A 213 7.34 13.45 1.92
C PRO A 213 7.02 13.90 0.50
N ASN A 214 6.72 15.20 0.38
CA ASN A 214 6.23 15.74 -0.88
C ASN A 214 7.22 15.54 -2.02
N GLU A 215 8.52 15.56 -1.73
CA GLU A 215 9.50 15.36 -2.78
C GLU A 215 9.48 13.94 -3.31
N ARG A 216 9.14 12.97 -2.47
CA ARG A 216 8.97 11.61 -2.96
C ARG A 216 7.75 11.52 -3.87
N ILE A 217 6.62 12.12 -3.44
CA ILE A 217 5.44 12.19 -4.28
C ILE A 217 5.77 12.83 -5.63
N GLU A 218 6.56 13.91 -5.61
CA GLU A 218 6.81 14.68 -6.83
C GLU A 218 7.57 13.87 -7.86
N MET A 219 8.54 13.05 -7.43
CA MET A 219 9.27 12.20 -8.37
C MET A 219 8.32 11.32 -9.17
N VAL A 220 7.29 10.78 -8.51
CA VAL A 220 6.32 9.94 -9.20
C VAL A 220 5.40 10.79 -10.06
N VAL A 221 4.84 11.86 -9.49
CA VAL A 221 3.85 12.67 -10.18
C VAL A 221 4.45 13.31 -11.43
N LYS A 222 5.72 13.71 -11.37
CA LYS A 222 6.38 14.31 -12.52
C LYS A 222 6.49 13.34 -13.70
N LYS A 223 6.41 12.03 -13.43
CA LYS A 223 6.48 11.03 -14.50
C LYS A 223 5.16 10.88 -15.26
N GLY A 224 4.12 11.62 -14.89
CA GLY A 224 2.87 11.62 -15.62
C GLY A 224 1.96 10.43 -15.37
N VAL A 225 2.16 9.68 -14.28
CA VAL A 225 1.40 8.46 -14.04
C VAL A 225 0.00 8.69 -13.50
N VAL A 226 -0.31 9.91 -13.05
CA VAL A 226 -1.58 10.14 -12.34
C VAL A 226 -2.79 9.77 -13.21
N PRO A 227 -2.89 10.19 -14.48
CA PRO A 227 -4.05 9.74 -15.27
C PRO A 227 -4.16 8.24 -15.39
N GLN A 228 -3.04 7.52 -15.52
CA GLN A 228 -3.11 6.07 -15.59
C GLN A 228 -3.55 5.47 -14.25
N LEU A 229 -3.14 6.08 -13.13
CA LEU A 229 -3.61 5.61 -11.83
C LEU A 229 -5.11 5.80 -11.69
N VAL A 230 -5.64 6.91 -12.21
CA VAL A 230 -7.08 7.17 -12.13
C VAL A 230 -7.84 6.15 -12.97
N LYS A 231 -7.33 5.82 -14.16
CA LYS A 231 -7.93 4.76 -14.96
C LYS A 231 -7.98 3.45 -14.18
N LEU A 232 -6.85 3.05 -13.61
CA LEU A 232 -6.81 1.81 -12.84
C LEU A 232 -7.73 1.87 -11.63
N LEU A 233 -7.95 3.08 -11.11
CA LEU A 233 -8.90 3.29 -10.02
C LEU A 233 -10.29 2.79 -10.39
N GLY A 234 -10.65 2.84 -11.67
CA GLY A 234 -11.92 2.36 -12.13
C GLY A 234 -11.95 0.90 -12.55
N ALA A 235 -10.86 0.16 -12.36
CA ALA A 235 -10.83 -1.23 -12.77
C ALA A 235 -11.86 -2.06 -12.01
N THR A 236 -12.25 -3.18 -12.62
CA THR A 236 -13.17 -4.09 -11.95
C THR A 236 -12.46 -5.07 -11.02
N GLU A 237 -11.15 -5.22 -11.16
CA GLU A 237 -10.36 -6.11 -10.31
C GLU A 237 -10.01 -5.39 -9.02
N LEU A 238 -10.60 -5.85 -7.91
CA LEU A 238 -10.25 -5.31 -6.60
C LEU A 238 -8.76 -5.35 -6.30
N PRO A 239 -7.99 -6.37 -6.70
CA PRO A 239 -6.53 -6.31 -6.48
C PRO A 239 -5.84 -5.16 -7.21
N ILE A 240 -6.48 -4.56 -8.21
CA ILE A 240 -5.91 -3.37 -8.84
C ILE A 240 -6.43 -2.10 -8.17
N VAL A 241 -7.73 -2.05 -7.87
CA VAL A 241 -8.32 -0.84 -7.29
C VAL A 241 -7.66 -0.52 -5.94
N THR A 242 -7.39 -1.55 -5.13
CA THR A 242 -6.87 -1.30 -3.78
C THR A 242 -5.54 -0.56 -3.80
N PRO A 243 -4.49 -1.01 -4.51
CA PRO A 243 -3.25 -0.23 -4.54
C PRO A 243 -3.36 1.05 -5.35
N ALA A 244 -4.19 1.07 -6.41
CA ALA A 244 -4.41 2.31 -7.14
C ALA A 244 -4.98 3.39 -6.22
N LEU A 245 -5.98 3.01 -5.41
CA LEU A 245 -6.57 3.97 -4.48
C LEU A 245 -5.56 4.41 -3.41
N ARG A 246 -4.73 3.49 -2.94
CA ARG A 246 -3.76 3.87 -1.92
C ARG A 246 -2.72 4.83 -2.51
N ALA A 247 -2.33 4.61 -3.77
CA ALA A 247 -1.44 5.54 -4.45
C ALA A 247 -2.08 6.92 -4.60
N ILE A 248 -3.35 6.94 -5.04
CA ILE A 248 -4.03 8.22 -5.20
C ILE A 248 -4.18 8.92 -3.86
N GLY A 249 -4.52 8.16 -2.82
CA GLY A 249 -4.65 8.76 -1.50
C GLY A 249 -3.33 9.30 -0.96
N ASN A 250 -2.24 8.59 -1.24
CA ASN A 250 -0.92 9.09 -0.84
C ASN A 250 -0.60 10.41 -1.54
N ILE A 251 -0.93 10.49 -2.83
CA ILE A 251 -0.57 11.69 -3.61
C ILE A 251 -1.30 12.92 -3.08
N VAL A 252 -2.57 12.76 -2.70
CA VAL A 252 -3.32 13.92 -2.21
C VAL A 252 -2.94 14.31 -0.79
N THR A 253 -2.03 13.58 -0.14
CA THR A 253 -1.43 14.12 1.08
C THR A 253 -0.32 15.12 0.80
N GLY A 254 0.07 15.29 -0.46
CA GLY A 254 1.11 16.24 -0.83
C GLY A 254 0.60 17.66 -0.91
N THR A 255 1.18 18.44 -1.83
CA THR A 255 0.81 19.83 -2.00
C THR A 255 -0.55 19.94 -2.66
N ASP A 256 -1.13 21.15 -2.60
CA ASP A 256 -2.38 21.42 -3.31
C ASP A 256 -2.21 21.24 -4.81
N GLU A 257 -1.00 21.50 -5.32
CA GLU A 257 -0.74 21.34 -6.74
C GLU A 257 -0.69 19.87 -7.14
N GLN A 258 -0.06 19.03 -6.32
CA GLN A 258 -0.08 17.59 -6.57
C GLN A 258 -1.50 17.04 -6.46
N THR A 259 -2.27 17.54 -5.47
CA THR A 259 -3.67 17.15 -5.36
C THR A 259 -4.47 17.56 -6.58
N GLN A 260 -4.18 18.75 -7.14
CA GLN A 260 -4.92 19.22 -8.30
C GLN A 260 -4.72 18.31 -9.50
N LYS A 261 -3.52 17.72 -9.63
CA LYS A 261 -3.30 16.79 -10.75
C LYS A 261 -4.18 15.56 -10.64
N VAL A 262 -4.51 15.14 -9.42
CA VAL A 262 -5.46 14.04 -9.24
C VAL A 262 -6.86 14.47 -9.67
N ILE A 263 -7.27 15.67 -9.29
CA ILE A 263 -8.58 16.19 -9.70
C ILE A 263 -8.63 16.37 -11.21
N ASP A 264 -7.60 17.01 -11.77
CA ASP A 264 -7.55 17.24 -13.21
C ASP A 264 -7.69 15.94 -13.99
N ALA A 265 -7.13 14.85 -13.47
CA ALA A 265 -7.16 13.56 -14.14
C ALA A 265 -8.53 12.90 -14.10
N GLY A 266 -9.50 13.48 -13.40
CA GLY A 266 -10.85 12.94 -13.36
C GLY A 266 -11.14 12.00 -12.22
N ALA A 267 -10.32 12.00 -11.17
CA ALA A 267 -10.45 10.99 -10.12
C ALA A 267 -11.77 11.12 -9.37
N LEU A 268 -12.28 12.35 -9.21
CA LEU A 268 -13.46 12.54 -8.37
C LEU A 268 -14.69 11.85 -8.94
N ALA A 269 -14.75 11.66 -10.26
CA ALA A 269 -15.90 11.00 -10.87
C ALA A 269 -15.99 9.52 -10.50
N VAL A 270 -14.92 8.92 -9.98
CA VAL A 270 -14.94 7.53 -9.53
C VAL A 270 -15.45 7.41 -8.10
N PHE A 271 -15.55 8.49 -7.35
CA PHE A 271 -15.81 8.36 -5.93
C PHE A 271 -17.25 8.05 -5.53
N PRO A 272 -18.27 8.31 -6.37
CA PRO A 272 -19.58 7.72 -6.06
C PRO A 272 -19.53 6.22 -5.89
N SER A 273 -18.79 5.51 -6.75
CA SER A 273 -18.62 4.07 -6.59
C SER A 273 -17.77 3.74 -5.36
N LEU A 274 -16.64 4.45 -5.19
CA LEU A 274 -15.70 4.08 -4.14
C LEU A 274 -16.28 4.32 -2.75
N LEU A 275 -17.06 5.39 -2.59
CA LEU A 275 -17.66 5.70 -1.30
C LEU A 275 -18.89 4.85 -0.99
N THR A 276 -19.33 4.00 -1.93
CA THR A 276 -20.35 2.99 -1.66
C THR A 276 -19.83 1.58 -1.93
N ASN A 277 -18.52 1.41 -2.07
CA ASN A 277 -17.95 0.13 -2.45
C ASN A 277 -18.23 -0.91 -1.37
N PRO A 278 -18.60 -2.15 -1.76
CA PRO A 278 -18.91 -3.18 -0.75
C PRO A 278 -17.72 -3.61 0.11
N LYS A 279 -16.49 -3.44 -0.36
CA LYS A 279 -15.34 -3.73 0.48
C LYS A 279 -15.11 -2.56 1.43
N THR A 280 -15.19 -2.81 2.73
CA THR A 280 -15.18 -1.72 3.70
C THR A 280 -13.86 -0.94 3.68
N ASN A 281 -12.75 -1.60 3.37
CA ASN A 281 -11.49 -0.87 3.35
C ASN A 281 -11.30 -0.02 2.11
N ILE A 282 -11.99 -0.33 1.00
CA ILE A 282 -12.05 0.61 -0.11
C ILE A 282 -12.81 1.86 0.32
N GLN A 283 -13.96 1.67 0.96
CA GLN A 283 -14.74 2.82 1.44
C GLN A 283 -13.93 3.66 2.41
N LYS A 284 -13.20 3.02 3.31
CA LYS A 284 -12.38 3.75 4.28
C LYS A 284 -11.26 4.52 3.58
N GLU A 285 -10.49 3.84 2.72
CA GLU A 285 -9.42 4.52 1.99
C GLU A 285 -9.96 5.63 1.11
N ALA A 286 -11.12 5.41 0.48
CA ALA A 286 -11.71 6.44 -0.36
C ALA A 286 -12.15 7.65 0.48
N THR A 287 -12.63 7.41 1.68
CA THR A 287 -13.08 8.51 2.53
C THR A 287 -11.90 9.25 3.16
N TRP A 288 -10.85 8.51 3.54
CA TRP A 288 -9.61 9.16 3.94
C TRP A 288 -9.07 10.06 2.83
N THR A 289 -9.07 9.55 1.60
CA THR A 289 -8.68 10.35 0.45
C THR A 289 -9.53 11.61 0.33
N MET A 290 -10.85 11.49 0.53
CA MET A 290 -11.72 12.64 0.47
C MET A 290 -11.38 13.67 1.52
N SER A 291 -11.00 13.21 2.73
CA SER A 291 -10.67 14.13 3.81
C SER A 291 -9.44 14.97 3.49
N ASN A 292 -8.48 14.41 2.74
CA ASN A 292 -7.30 15.18 2.36
C ASN A 292 -7.56 16.06 1.16
N ILE A 293 -8.62 15.77 0.40
CA ILE A 293 -9.02 16.69 -0.67
C ILE A 293 -9.82 17.85 -0.09
N THR A 294 -10.73 17.58 0.86
CA THR A 294 -11.46 18.67 1.49
C THR A 294 -10.56 19.51 2.40
N ALA A 295 -9.33 19.08 2.65
CA ALA A 295 -8.34 19.90 3.34
C ALA A 295 -7.60 20.84 2.40
N GLY A 296 -8.01 20.92 1.13
CA GLY A 296 -7.35 21.73 0.14
C GLY A 296 -8.00 23.08 -0.06
N ARG A 297 -7.70 23.70 -1.19
CA ARG A 297 -8.20 25.03 -1.50
C ARG A 297 -9.71 25.01 -1.74
N GLN A 298 -10.31 26.20 -1.61
CA GLN A 298 -11.75 26.32 -1.77
C GLN A 298 -12.19 25.90 -3.17
N ASP A 299 -11.35 26.13 -4.18
CA ASP A 299 -11.68 25.67 -5.52
C ASP A 299 -11.61 24.14 -5.63
N GLN A 300 -10.85 23.49 -4.75
CA GLN A 300 -10.85 22.03 -4.72
C GLN A 300 -12.04 21.51 -3.92
N ILE A 301 -12.38 22.17 -2.82
CA ILE A 301 -13.65 21.90 -2.14
C ILE A 301 -14.81 22.06 -3.12
N GLN A 302 -14.74 23.07 -4.00
CA GLN A 302 -15.81 23.31 -4.95
C GLN A 302 -15.93 22.17 -5.95
N GLN A 303 -14.81 21.59 -6.37
CA GLN A 303 -14.85 20.43 -7.26
C GLN A 303 -15.53 19.24 -6.58
N VAL A 304 -15.28 19.07 -5.28
CA VAL A 304 -15.98 18.04 -4.52
C VAL A 304 -17.49 18.27 -4.59
N VAL A 305 -17.91 19.52 -4.39
CA VAL A 305 -19.33 19.87 -4.46
C VAL A 305 -19.88 19.56 -5.84
N ASN A 306 -19.20 20.06 -6.89
CA ASN A 306 -19.71 19.92 -8.25
C ASN A 306 -19.87 18.47 -8.65
N HIS A 307 -18.99 17.60 -8.18
CA HIS A 307 -19.06 16.18 -8.49
C HIS A 307 -20.14 15.46 -7.70
N GLY A 308 -20.95 16.20 -6.93
CA GLY A 308 -22.02 15.60 -6.16
C GLY A 308 -21.54 14.70 -5.05
N LEU A 309 -20.34 14.95 -4.52
CA LEU A 309 -19.74 14.06 -3.54
C LEU A 309 -20.15 14.36 -2.11
N VAL A 310 -20.76 15.52 -1.85
CA VAL A 310 -21.17 15.83 -0.49
C VAL A 310 -22.30 14.91 -0.04
N PRO A 311 -23.34 14.65 -0.86
CA PRO A 311 -24.33 13.64 -0.47
C PRO A 311 -23.70 12.29 -0.14
N PHE A 312 -22.64 11.89 -0.85
CA PHE A 312 -22.00 10.62 -0.54
C PHE A 312 -21.26 10.68 0.79
N LEU A 313 -20.73 11.85 1.16
CA LEU A 313 -20.13 12.01 2.48
C LEU A 313 -21.19 11.97 3.58
N VAL A 314 -22.35 12.61 3.35
CA VAL A 314 -23.47 12.44 4.26
C VAL A 314 -23.81 10.95 4.40
N GLY A 315 -23.77 10.22 3.29
CA GLY A 315 -24.11 8.80 3.33
C GLY A 315 -23.18 7.98 4.21
N VAL A 316 -21.86 8.12 4.01
CA VAL A 316 -20.92 7.34 4.83
C VAL A 316 -20.98 7.79 6.27
N LEU A 317 -21.21 9.09 6.52
CA LEU A 317 -21.41 9.53 7.90
C LEU A 317 -22.66 8.89 8.52
N SER A 318 -23.70 8.67 7.72
CA SER A 318 -24.94 8.10 8.25
C SER A 318 -24.81 6.60 8.49
N LYS A 319 -24.08 5.89 7.64
CA LYS A 319 -24.01 4.43 7.73
C LYS A 319 -22.74 3.98 7.05
N ALA A 320 -21.87 3.31 7.81
CA ALA A 320 -20.57 2.85 7.39
C ALA A 320 -19.94 2.20 8.62
N ASP A 321 -18.94 1.36 8.40
CA ASP A 321 -18.20 0.87 9.55
C ASP A 321 -17.53 2.05 10.25
N PHE A 322 -17.25 1.89 11.55
CA PHE A 322 -16.96 3.06 12.38
C PHE A 322 -15.69 3.77 11.92
N LYS A 323 -14.69 3.02 11.46
CA LYS A 323 -13.44 3.66 11.06
C LYS A 323 -13.61 4.47 9.78
N THR A 324 -14.55 4.08 8.92
CA THR A 324 -14.90 4.92 7.77
C THR A 324 -15.65 6.17 8.22
N GLN A 325 -16.56 6.04 9.18
CA GLN A 325 -17.27 7.21 9.70
C GLN A 325 -16.31 8.21 10.32
N LYS A 326 -15.23 7.73 10.96
CA LYS A 326 -14.24 8.65 11.51
C LYS A 326 -13.55 9.42 10.39
N GLU A 327 -13.19 8.75 9.30
CA GLU A 327 -12.61 9.45 8.16
C GLU A 327 -13.60 10.46 7.59
N ALA A 328 -14.89 10.11 7.57
CA ALA A 328 -15.90 11.03 7.08
C ALA A 328 -16.03 12.25 7.97
N ALA A 329 -15.98 12.04 9.29
CA ALA A 329 -16.00 13.17 10.21
C ALA A 329 -14.82 14.09 9.96
N TRP A 330 -13.63 13.53 9.78
CA TRP A 330 -12.46 14.33 9.42
C TRP A 330 -12.69 15.08 8.12
N ALA A 331 -13.27 14.41 7.12
CA ALA A 331 -13.55 15.05 5.85
C ALA A 331 -14.48 16.24 6.01
N ILE A 332 -15.45 16.14 6.91
CA ILE A 332 -16.40 17.23 7.10
C ILE A 332 -15.73 18.40 7.82
N THR A 333 -14.96 18.11 8.88
CA THR A 333 -14.31 19.20 9.62
C THR A 333 -13.28 19.90 8.76
N ASN A 334 -12.51 19.14 7.97
CA ASN A 334 -11.61 19.76 7.00
C ASN A 334 -12.39 20.66 6.04
N TYR A 335 -13.50 20.15 5.51
CA TYR A 335 -14.38 20.95 4.65
C TYR A 335 -14.80 22.24 5.34
N THR A 336 -15.36 22.13 6.56
CA THR A 336 -15.85 23.31 7.27
C THR A 336 -14.74 24.26 7.66
N SER A 337 -13.50 23.77 7.78
CA SER A 337 -12.40 24.63 8.17
C SER A 337 -11.91 25.49 7.01
N GLY A 338 -11.93 24.97 5.78
CA GLY A 338 -11.39 25.69 4.66
C GLY A 338 -12.42 26.26 3.71
N GLY A 339 -13.67 25.81 3.81
CA GLY A 339 -14.68 26.20 2.86
C GLY A 339 -15.18 27.62 3.03
N THR A 340 -15.92 28.08 2.03
CA THR A 340 -16.60 29.37 2.10
C THR A 340 -17.91 29.21 2.86
N VAL A 341 -18.53 30.35 3.18
CA VAL A 341 -19.84 30.33 3.82
C VAL A 341 -20.85 29.56 2.96
N GLU A 342 -20.82 29.80 1.65
CA GLU A 342 -21.77 29.16 0.74
C GLU A 342 -21.54 27.65 0.70
N GLN A 343 -20.28 27.22 0.70
CA GLN A 343 -20.00 25.79 0.70
C GLN A 343 -20.41 25.15 2.02
N ILE A 344 -20.21 25.85 3.14
CA ILE A 344 -20.64 25.32 4.43
C ILE A 344 -22.15 25.26 4.52
N VAL A 345 -22.85 26.28 4.01
CA VAL A 345 -24.31 26.27 4.00
C VAL A 345 -24.83 25.11 3.16
N TYR A 346 -24.21 24.88 1.99
CA TYR A 346 -24.59 23.75 1.15
C TYR A 346 -24.47 22.43 1.89
N LEU A 347 -23.48 22.32 2.79
CA LEU A 347 -23.30 21.11 3.59
C LEU A 347 -24.51 20.83 4.46
N VAL A 348 -25.02 21.86 5.14
CA VAL A 348 -26.20 21.70 5.97
C VAL A 348 -27.41 21.33 5.12
N HIS A 349 -27.55 21.96 3.95
CA HIS A 349 -28.68 21.67 3.07
C HIS A 349 -28.66 20.22 2.59
N CYS A 350 -27.48 19.60 2.51
CA CYS A 350 -27.39 18.20 2.15
C CYS A 350 -27.71 17.27 3.31
N GLY A 351 -27.84 17.80 4.53
CA GLY A 351 -28.21 16.99 5.68
C GLY A 351 -27.04 16.48 6.50
N ILE A 352 -25.99 17.30 6.64
CA ILE A 352 -24.86 16.85 7.44
C ILE A 352 -25.16 16.85 8.93
N ILE A 353 -26.14 17.64 9.39
CA ILE A 353 -26.26 17.93 10.82
C ILE A 353 -26.68 16.69 11.59
N GLU A 354 -27.75 16.01 11.14
CA GLU A 354 -28.27 14.90 11.93
C GLU A 354 -27.31 13.72 12.03
N PRO A 355 -26.72 13.21 10.94
CA PRO A 355 -25.74 12.12 11.12
C PRO A 355 -24.50 12.56 11.89
N LEU A 356 -24.12 13.83 11.80
CA LEU A 356 -23.01 14.34 12.60
C LEU A 356 -23.35 14.31 14.09
N MET A 357 -24.58 14.67 14.45
CA MET A 357 -24.99 14.63 15.85
C MET A 357 -25.08 13.20 16.36
N ASN A 358 -25.53 12.27 15.51
CA ASN A 358 -25.65 10.88 15.93
C ASN A 358 -24.30 10.30 16.31
N LEU A 359 -23.24 10.71 15.61
CA LEU A 359 -21.90 10.21 15.90
C LEU A 359 -21.33 10.76 17.20
N LEU A 360 -21.99 11.75 17.80
CA LEU A 360 -21.54 12.24 19.10
C LEU A 360 -21.77 11.23 20.22
N SER A 361 -22.49 10.14 19.94
CA SER A 361 -22.67 9.06 20.90
C SER A 361 -21.48 8.13 20.97
N ALA A 362 -20.55 8.22 20.01
CA ALA A 362 -19.40 7.33 19.99
C ALA A 362 -18.54 7.53 21.24
N LYS A 363 -17.79 6.49 21.59
CA LYS A 363 -16.87 6.57 22.72
C LYS A 363 -15.49 7.07 22.31
N ASP A 364 -15.17 7.01 21.01
CA ASP A 364 -13.91 7.56 20.51
C ASP A 364 -13.83 9.04 20.86
N THR A 365 -12.92 9.39 21.78
CA THR A 365 -12.85 10.76 22.24
C THR A 365 -12.42 11.71 21.12
N LYS A 366 -11.55 11.26 20.22
CA LYS A 366 -11.06 12.16 19.18
C LYS A 366 -12.09 12.40 18.08
N ILE A 367 -12.97 11.45 17.79
CA ILE A 367 -13.99 11.74 16.79
C ILE A 367 -14.98 12.77 17.32
N ILE A 368 -15.13 12.87 18.64
CA ILE A 368 -16.03 13.87 19.20
C ILE A 368 -15.39 15.25 19.12
N GLN A 369 -14.08 15.35 19.42
CA GLN A 369 -13.37 16.60 19.18
C GLN A 369 -13.50 17.03 17.73
N VAL A 370 -13.37 16.08 16.81
CA VAL A 370 -13.46 16.38 15.38
C VAL A 370 -14.84 16.91 15.03
N ILE A 371 -15.89 16.27 15.55
CA ILE A 371 -17.25 16.68 15.25
C ILE A 371 -17.57 18.02 15.90
N LEU A 372 -17.16 18.20 17.16
CA LEU A 372 -17.38 19.47 17.84
C LEU A 372 -16.72 20.62 17.09
N ASP A 373 -15.53 20.37 16.52
CA ASP A 373 -14.87 21.39 15.71
C ASP A 373 -15.71 21.75 14.49
N ALA A 374 -16.27 20.75 13.81
CA ALA A 374 -17.09 21.01 12.63
C ALA A 374 -18.31 21.84 12.98
N ILE A 375 -19.01 21.51 14.07
CA ILE A 375 -20.21 22.24 14.45
C ILE A 375 -19.86 23.69 14.78
N SER A 376 -18.74 23.90 15.48
CA SER A 376 -18.28 25.25 15.76
C SER A 376 -18.02 26.00 14.46
N ASN A 377 -17.40 25.33 13.48
CA ASN A 377 -17.14 25.98 12.19
C ASN A 377 -18.43 26.28 11.45
N ILE A 378 -19.40 25.38 11.50
CA ILE A 378 -20.68 25.63 10.84
C ILE A 378 -21.41 26.77 11.53
N PHE A 379 -21.36 26.81 12.86
CA PHE A 379 -21.99 27.90 13.60
C PHE A 379 -21.35 29.24 13.27
N GLN A 380 -20.04 29.25 13.02
CA GLN A 380 -19.37 30.50 12.65
C GLN A 380 -19.84 30.98 11.28
N ALA A 381 -20.02 30.06 10.33
CA ALA A 381 -20.61 30.44 9.04
C ALA A 381 -22.03 30.97 9.23
N ALA A 382 -22.78 30.41 10.17
CA ALA A 382 -24.14 30.86 10.42
C ALA A 382 -24.17 32.26 11.03
N GLU A 383 -23.15 32.62 11.83
CA GLU A 383 -23.12 33.95 12.42
C GLU A 383 -22.92 35.03 11.37
N LYS A 384 -22.20 34.72 10.29
CA LYS A 384 -22.00 35.69 9.21
C LYS A 384 -23.27 35.96 8.42
N LEU A 385 -24.28 35.10 8.54
CA LEU A 385 -25.57 35.30 7.88
C LEU A 385 -26.69 35.60 8.87
N GLY A 386 -26.37 35.81 10.14
CA GLY A 386 -27.39 36.04 11.14
C GLY A 386 -28.32 34.86 11.37
N GLU A 387 -27.89 33.66 10.99
CA GLU A 387 -28.72 32.47 11.05
C GLU A 387 -28.25 31.48 12.13
N THR A 388 -27.74 32.00 13.24
CA THR A 388 -27.26 31.11 14.29
C THR A 388 -28.42 30.33 14.92
N GLU A 389 -29.58 30.97 15.07
CA GLU A 389 -30.71 30.32 15.72
C GLU A 389 -31.23 29.16 14.90
N LYS A 390 -31.59 29.40 13.63
CA LYS A 390 -32.13 28.37 12.76
C LYS A 390 -31.31 27.08 12.81
N LEU A 391 -29.98 27.21 12.99
CA LEU A 391 -29.13 26.04 13.18
C LEU A 391 -29.30 25.45 14.57
N SER A 392 -29.43 26.30 15.59
CA SER A 392 -29.64 25.80 16.94
C SER A 392 -30.92 24.97 17.03
N ILE A 393 -32.00 25.48 16.44
CA ILE A 393 -33.27 24.73 16.45
C ILE A 393 -33.10 23.42 15.69
N MET A 394 -32.33 23.43 14.60
CA MET A 394 -32.11 22.20 13.84
C MET A 394 -31.30 21.19 14.63
N ILE A 395 -30.30 21.65 15.38
CA ILE A 395 -29.49 20.74 16.18
C ILE A 395 -30.30 20.17 17.33
N GLU A 396 -31.19 20.98 17.91
CA GLU A 396 -32.01 20.50 19.02
C GLU A 396 -33.16 19.61 18.55
N GLU A 397 -33.64 19.81 17.32
CA GLU A 397 -34.78 19.04 16.84
C GLU A 397 -34.41 17.59 16.56
N CYS A 398 -33.14 17.33 16.23
CA CYS A 398 -32.67 15.98 15.96
C CYS A 398 -32.01 15.35 17.17
N GLY A 399 -32.23 15.90 18.36
CA GLY A 399 -31.64 15.36 19.57
C GLY A 399 -30.18 15.71 19.79
N GLY A 400 -29.61 16.59 18.95
CA GLY A 400 -28.20 16.92 19.10
C GLY A 400 -27.90 17.65 20.40
N LEU A 401 -28.66 18.72 20.68
CA LEU A 401 -28.44 19.51 21.89
C LEU A 401 -28.32 18.64 23.13
N ASP A 402 -29.10 17.55 23.18
CA ASP A 402 -28.97 16.60 24.29
C ASP A 402 -27.56 16.05 24.38
N LYS A 403 -26.92 15.77 23.24
CA LYS A 403 -25.59 15.18 23.25
C LYS A 403 -24.54 16.18 23.73
N ILE A 404 -24.57 17.40 23.18
CA ILE A 404 -23.57 18.40 23.56
C ILE A 404 -23.75 18.80 25.01
N GLU A 405 -25.00 18.92 25.47
CA GLU A 405 -25.25 19.20 26.88
C GLU A 405 -24.87 18.02 27.76
N ALA A 406 -24.89 16.79 27.22
CA ALA A 406 -24.42 15.64 27.97
C ALA A 406 -22.90 15.52 27.96
N LEU A 407 -22.26 15.92 26.85
CA LEU A 407 -20.81 15.96 26.77
C LEU A 407 -20.26 17.02 27.72
N GLN A 408 -21.14 17.72 28.41
CA GLN A 408 -20.74 18.57 29.53
C GLN A 408 -20.41 17.71 30.74
N ARG A 409 -19.77 16.56 30.50
CA ARG A 409 -19.44 15.59 31.53
C ARG A 409 -18.48 14.54 30.96
N HIS A 410 -17.38 14.99 30.38
CA HIS A 410 -16.48 14.10 29.66
C HIS A 410 -15.12 14.04 30.34
N GLU A 411 -14.48 12.87 30.25
CA GLU A 411 -13.17 12.69 30.86
C GLU A 411 -12.13 13.60 30.22
N ASN A 412 -12.27 13.88 28.92
CA ASN A 412 -11.34 14.77 28.24
C ASN A 412 -11.70 16.22 28.51
N GLU A 413 -10.70 17.03 28.87
CA GLU A 413 -10.95 18.43 29.20
C GLU A 413 -11.42 19.20 27.98
N SER A 414 -10.73 19.05 26.85
CA SER A 414 -11.05 19.83 25.66
C SER A 414 -12.43 19.51 25.12
N VAL A 415 -12.90 18.26 25.29
CA VAL A 415 -14.26 17.91 24.88
C VAL A 415 -15.28 18.61 25.76
N TYR A 416 -15.03 18.63 27.08
CA TYR A 416 -15.93 19.31 28.00
C TYR A 416 -16.01 20.80 27.69
N LYS A 417 -14.88 21.45 27.46
CA LYS A 417 -14.86 22.89 27.28
C LYS A 417 -15.46 23.29 25.94
N ALA A 418 -15.20 22.50 24.89
CA ALA A 418 -15.81 22.80 23.59
C ALA A 418 -17.32 22.66 23.64
N SER A 419 -17.82 21.70 24.44
CA SER A 419 -19.26 21.53 24.56
C SER A 419 -19.90 22.72 25.26
N LEU A 420 -19.39 23.09 26.44
CA LEU A 420 -20.02 24.18 27.19
C LEU A 420 -19.94 25.49 26.46
N ASN A 421 -18.89 25.71 25.66
CA ASN A 421 -18.81 26.93 24.86
C ASN A 421 -19.91 26.98 23.81
N LEU A 422 -20.17 25.85 23.15
CA LEU A 422 -21.28 25.80 22.20
C LEU A 422 -22.61 26.04 22.90
N ILE A 423 -22.80 25.45 24.08
CA ILE A 423 -24.00 25.71 24.87
C ILE A 423 -24.06 27.19 25.23
N GLU A 424 -22.94 27.73 25.73
CA GLU A 424 -22.89 29.11 26.19
C GLU A 424 -23.31 30.09 25.09
N LYS A 425 -22.81 29.88 23.88
CA LYS A 425 -22.87 30.90 22.84
C LYS A 425 -24.08 30.78 21.93
N TYR A 426 -24.58 29.57 21.70
CA TYR A 426 -25.65 29.37 20.74
C TYR A 426 -26.91 28.74 21.34
N PHE A 427 -26.89 28.38 22.64
CA PHE A 427 -28.04 27.77 23.30
C PHE A 427 -28.20 28.44 24.68
N SER A 428 -28.80 29.63 24.67
CA SER A 428 -28.97 30.39 25.91
C SER A 428 -30.43 30.44 26.35
CA SER B 2 1.09 -4.12 0.40
C SER B 2 0.48 -5.51 0.19
N ASN B 3 0.92 -6.19 -0.87
CA ASN B 3 0.65 -7.61 -0.98
C ASN B 3 1.88 -8.32 -0.37
N PRO B 4 2.14 -9.62 -0.54
CA PRO B 4 3.07 -10.29 0.38
C PRO B 4 4.50 -9.78 0.24
N ARG B 5 5.17 -9.64 1.37
CA ARG B 5 6.59 -9.28 1.38
C ARG B 5 7.45 -10.39 0.80
N LYS B 6 7.11 -11.65 1.10
CA LYS B 6 7.87 -12.79 0.65
C LYS B 6 6.92 -13.83 0.05
N LYS B 7 7.47 -14.66 -0.84
CA LYS B 7 6.70 -15.66 -1.55
C LYS B 7 7.44 -16.98 -1.53
N HIS B 8 6.76 -18.03 -1.09
CA HIS B 8 7.29 -19.39 -1.09
C HIS B 8 6.91 -20.07 -2.40
N ARG B 9 7.84 -20.84 -2.98
CA ARG B 9 7.58 -21.55 -4.23
C ARG B 9 7.31 -23.03 -3.94
N GLU B 10 6.06 -23.43 -4.08
CA GLU B 10 5.71 -24.82 -3.84
C GLU B 10 5.53 -25.63 -5.12
N ASP B 11 5.06 -25.00 -6.19
CA ASP B 11 4.70 -25.70 -7.43
C ASP B 11 3.73 -26.85 -7.21
#